data_8GNE
#
_entry.id   8GNE
#
_cell.length_a   39.350
_cell.length_b   180.510
_cell.length_c   141.240
_cell.angle_alpha   90.000
_cell.angle_beta   90.000
_cell.angle_gamma   90.000
#
_symmetry.space_group_name_H-M   'C 2 2 21'
#
loop_
_entity.id
_entity.type
_entity.pdbx_description
1 polymer 'Adenosine receptor A2a,Soluble cytochrome b562'
2 non-polymer ~{N}-[4-(furan-2-yl)-5-(oxan-4-ylcarbonyl)-1,3-thiazol-2-yl]-6-methyl-pyridine-3-carboxamide
3 non-polymer CHOLESTEROL
4 non-polymer '(2R)-2,3-dihydroxypropyl (9Z)-octadec-9-enoate'
5 non-polymer 2-{2-[2-(2-{2-[2-(2-ETHOXY-ETHOXY)-ETHOXY]-ETHOXY}-ETHOXY)-ETHOXY]-ETHOXY}-ETHANOL
6 non-polymer 'SODIUM ION'
7 water water
#
_entity_poly.entity_id   1
_entity_poly.type   'polypeptide(L)'
_entity_poly.pdbx_seq_one_letter_code
;DYDDDDKGAPPIMGSSVYITVELAIAVLAILGNVLVCWAVWLNSNLQNVTNYFVVSLAAADIAVGVLAIPFAITISTGFC
AACHGCLFIACFVLVLTQSSIFSLLAIAIDRYIAIRIPLRYNGLVTGTRAKGIIAICWVLSFAIGLTPMLGWNNCGQPKE
GKQHSQGCGEGQVACLFEDVVPMNYMVYFNFFACVLVPLLLMLGVYLRIFLAARRQLADLEDNWETLNDNLKVIEKADNA
AQVKDALTKMRAAALDAQKATPPKLEDKSPDSPEMKDFRHGFDILVGQIDDALKLANEGKVKEAQAAAEQLKTTRNAYIQ
KYLERARSTLQKEVHAAKSLAIIVGLFALCWLPLHIINCFTFFCPDCSHAPLWLMYLAIVLSHTNSVVNPFIYAYRIREF
RQTFRKIIRSHVLRQQEPFKAHHHHHHHHHH
;
_entity_poly.pdbx_strand_id   A
#
loop_
_chem_comp.id
_chem_comp.type
_chem_comp.name
_chem_comp.formula
CLR non-polymer CHOLESTEROL 'C27 H46 O'
JQR non-polymer ~{N}-[4-(furan-2-yl)-5-(oxan-4-ylcarbonyl)-1,3-thiazol-2-yl]-6-methyl-pyridine-3-carboxamide 'C20 H19 N3 O4 S'
NA non-polymer 'SODIUM ION' 'Na 1'
OLC non-polymer '(2R)-2,3-dihydroxypropyl (9Z)-octadec-9-enoate' 'C21 H40 O4'
PE4 non-polymer 2-{2-[2-(2-{2-[2-(2-ETHOXY-ETHOXY)-ETHOXY]-ETHOXY}-ETHOXY)-ETHOXY]-ETHOXY}-ETHANOL 'C16 H34 O8'
#
# COMPACT_ATOMS: atom_id res chain seq x y z
N GLY A 8 38.41 -23.11 8.18
CA GLY A 8 37.53 -21.91 7.92
C GLY A 8 38.31 -20.88 7.12
N ALA A 9 37.87 -20.64 5.86
CA ALA A 9 38.50 -19.81 4.80
C ALA A 9 38.74 -18.36 5.19
N PRO A 10 39.67 -17.65 4.52
CA PRO A 10 39.96 -16.25 4.84
C PRO A 10 38.71 -15.38 4.70
N PRO A 11 38.37 -14.57 5.73
CA PRO A 11 37.10 -13.82 5.78
C PRO A 11 36.82 -12.93 4.56
N ILE A 12 37.87 -12.35 3.97
CA ILE A 12 37.78 -11.34 2.87
C ILE A 12 37.19 -11.97 1.60
N MET A 13 37.29 -13.30 1.42
CA MET A 13 36.78 -13.93 0.17
C MET A 13 35.26 -13.84 0.21
N GLY A 14 34.66 -14.31 1.32
CA GLY A 14 33.19 -14.29 1.52
C GLY A 14 32.74 -12.86 1.74
N SER A 15 33.58 -12.10 2.41
CA SER A 15 33.42 -10.64 2.56
C SER A 15 33.30 -9.97 1.16
N SER A 16 34.12 -10.32 0.19
CA SER A 16 34.10 -9.75 -1.18
C SER A 16 32.79 -10.13 -1.89
N VAL A 17 32.27 -11.32 -1.70
CA VAL A 17 30.99 -11.73 -2.34
C VAL A 17 29.85 -10.85 -1.79
N TYR A 18 29.67 -10.86 -0.48
CA TYR A 18 28.67 -10.05 0.24
C TYR A 18 28.69 -8.60 -0.29
N ILE A 19 29.86 -7.96 -0.27
CA ILE A 19 30.04 -6.52 -0.60
C ILE A 19 29.67 -6.30 -2.07
N THR A 20 30.17 -7.14 -2.97
CA THR A 20 29.86 -7.01 -4.42
C THR A 20 28.33 -7.11 -4.63
N VAL A 21 27.69 -8.02 -3.94
CA VAL A 21 26.23 -8.20 -4.01
C VAL A 21 25.51 -6.95 -3.47
N GLU A 22 25.94 -6.41 -2.34
CA GLU A 22 25.34 -5.23 -1.66
C GLU A 22 25.44 -4.03 -2.60
N LEU A 23 26.62 -3.82 -3.20
CA LEU A 23 26.79 -2.68 -4.14
C LEU A 23 25.88 -2.88 -5.36
N ALA A 24 25.73 -4.11 -5.86
CA ALA A 24 24.86 -4.42 -7.01
C ALA A 24 23.43 -4.03 -6.65
N ILE A 25 22.99 -4.38 -5.43
CA ILE A 25 21.64 -4.01 -4.96
C ILE A 25 21.51 -2.48 -4.84
N ALA A 26 22.52 -1.82 -4.27
CA ALA A 26 22.51 -0.35 -4.07
C ALA A 26 22.28 0.36 -5.41
N VAL A 27 23.05 0.00 -6.43
CA VAL A 27 22.93 0.57 -7.79
C VAL A 27 21.48 0.42 -8.25
N LEU A 28 20.93 -0.76 -8.15
CA LEU A 28 19.60 -1.03 -8.72
C LEU A 28 18.51 -0.32 -7.92
N ALA A 29 18.71 -0.19 -6.61
CA ALA A 29 17.73 0.47 -5.71
C ALA A 29 17.68 1.95 -6.07
N ILE A 30 18.84 2.55 -6.34
CA ILE A 30 18.88 4.00 -6.67
C ILE A 30 18.21 4.25 -8.04
N LEU A 31 18.57 3.52 -9.07
CA LEU A 31 18.11 3.78 -10.46
C LEU A 31 16.59 3.56 -10.54
N GLY A 32 16.08 2.48 -9.96
CA GLY A 32 14.65 2.14 -10.03
C GLY A 32 13.83 3.18 -9.30
N ASN A 33 14.28 3.61 -8.14
CA ASN A 33 13.47 4.53 -7.32
C ASN A 33 13.60 5.97 -7.89
N VAL A 34 14.73 6.32 -8.50
CA VAL A 34 14.90 7.66 -9.10
C VAL A 34 13.90 7.76 -10.25
N LEU A 35 13.68 6.65 -10.95
CA LEU A 35 12.72 6.52 -12.06
C LEU A 35 11.29 6.67 -11.51
N VAL A 36 10.94 6.10 -10.36
CA VAL A 36 9.58 6.29 -9.77
C VAL A 36 9.39 7.81 -9.56
N CYS A 37 10.35 8.48 -8.92
CA CYS A 37 10.32 9.95 -8.64
C CYS A 37 10.23 10.77 -9.95
N TRP A 38 11.13 10.54 -10.93
CA TRP A 38 11.15 11.19 -12.28
C TRP A 38 9.76 11.03 -12.92
N ALA A 39 9.15 9.84 -12.82
CA ALA A 39 7.82 9.55 -13.42
C ALA A 39 6.77 10.48 -12.80
N VAL A 40 6.69 10.53 -11.48
CA VAL A 40 5.61 11.26 -10.76
C VAL A 40 5.76 12.76 -11.06
N TRP A 41 7.01 13.25 -11.08
CA TRP A 41 7.42 14.61 -11.50
C TRP A 41 6.92 15.00 -12.91
N LEU A 42 7.04 14.13 -13.91
CA LEU A 42 6.78 14.50 -15.30
C LEU A 42 5.32 14.26 -15.62
N ASN A 43 4.62 13.39 -14.93
CA ASN A 43 3.28 13.02 -15.43
C ASN A 43 2.22 13.46 -14.41
N SER A 44 1.47 14.51 -14.72
CA SER A 44 0.37 15.00 -13.83
C SER A 44 -0.71 13.91 -13.59
N ASN A 45 -0.90 12.93 -14.48
CA ASN A 45 -1.76 11.75 -14.16
C ASN A 45 -1.23 10.95 -12.97
N LEU A 46 0.07 11.02 -12.66
CA LEU A 46 0.64 10.37 -11.46
C LEU A 46 0.72 11.34 -10.26
N GLN A 47 0.31 12.59 -10.41
CA GLN A 47 0.41 13.59 -9.31
C GLN A 47 -0.87 13.58 -8.47
N ASN A 48 -1.01 12.63 -7.59
CA ASN A 48 -2.21 12.48 -6.70
C ASN A 48 -1.63 12.10 -5.35
N VAL A 49 -2.47 12.07 -4.33
CA VAL A 49 -1.99 11.96 -2.92
C VAL A 49 -1.45 10.55 -2.70
N THR A 50 -2.12 9.55 -3.24
CA THR A 50 -1.60 8.16 -3.15
C THR A 50 -0.10 8.17 -3.54
N ASN A 51 0.28 8.86 -4.61
CA ASN A 51 1.64 8.83 -5.18
C ASN A 51 2.60 9.73 -4.40
N TYR A 52 2.14 10.66 -3.60
CA TYR A 52 3.07 11.42 -2.73
C TYR A 52 3.66 10.44 -1.70
N PHE A 53 2.89 9.45 -1.25
CA PHE A 53 3.38 8.38 -0.34
C PHE A 53 4.23 7.36 -1.12
N VAL A 54 3.90 7.11 -2.39
CA VAL A 54 4.80 6.27 -3.25
C VAL A 54 6.18 6.94 -3.37
N VAL A 55 6.26 8.26 -3.53
CA VAL A 55 7.54 9.01 -3.61
C VAL A 55 8.27 8.97 -2.27
N SER A 56 7.56 9.11 -1.17
CA SER A 56 8.17 9.02 0.18
C SER A 56 8.84 7.65 0.34
N LEU A 57 8.16 6.61 -0.11
CA LEU A 57 8.66 5.22 -0.07
C LEU A 57 9.84 5.08 -1.06
N ALA A 58 9.75 5.65 -2.24
CA ALA A 58 10.89 5.68 -3.17
C ALA A 58 12.10 6.37 -2.52
N ALA A 59 11.88 7.45 -1.74
CA ALA A 59 12.98 8.25 -1.14
C ALA A 59 13.72 7.39 -0.11
N ALA A 60 12.95 6.62 0.63
CA ALA A 60 13.49 5.72 1.67
C ALA A 60 14.35 4.65 1.01
N ASP A 61 13.90 4.13 -0.13
CA ASP A 61 14.62 3.05 -0.87
C ASP A 61 15.88 3.62 -1.53
N ILE A 62 15.85 4.88 -1.95
CA ILE A 62 17.07 5.55 -2.46
C ILE A 62 18.07 5.61 -1.30
N ALA A 63 17.60 5.96 -0.10
CA ALA A 63 18.47 6.10 1.10
C ALA A 63 18.99 4.73 1.52
N VAL A 64 18.32 3.62 1.19
CA VAL A 64 18.91 2.27 1.44
C VAL A 64 20.19 2.14 0.59
N GLY A 65 20.16 2.59 -0.65
CA GLY A 65 21.29 2.40 -1.58
C GLY A 65 22.40 3.36 -1.23
N VAL A 66 22.05 4.59 -0.92
CA VAL A 66 23.05 5.66 -0.67
C VAL A 66 23.67 5.47 0.72
N LEU A 67 22.93 5.04 1.75
CA LEU A 67 23.42 5.12 3.14
C LEU A 67 23.36 3.77 3.86
N ALA A 68 22.18 3.16 3.90
CA ALA A 68 21.98 1.90 4.64
C ALA A 68 22.91 0.81 4.09
N ILE A 69 23.14 0.70 2.78
CA ILE A 69 24.01 -0.40 2.26
C ILE A 69 25.47 -0.06 2.57
N PRO A 70 25.97 1.16 2.31
CA PRO A 70 27.31 1.50 2.80
C PRO A 70 27.54 1.23 4.30
N PHE A 71 26.52 1.51 5.12
CA PHE A 71 26.60 1.26 6.57
C PHE A 71 26.70 -0.26 6.81
N ALA A 72 25.83 -1.05 6.20
CA ALA A 72 25.86 -2.52 6.34
C ALA A 72 27.24 -3.03 6.01
N ILE A 73 27.78 -2.59 4.88
CA ILE A 73 29.14 -2.99 4.45
C ILE A 73 30.12 -2.64 5.57
N THR A 74 30.10 -1.38 6.03
CA THR A 74 31.01 -0.89 7.07
C THR A 74 30.92 -1.75 8.33
N ILE A 75 29.71 -2.05 8.77
CA ILE A 75 29.50 -2.75 10.07
C ILE A 75 29.89 -4.23 9.91
N SER A 76 29.91 -4.80 8.68
CA SER A 76 30.38 -6.18 8.45
C SER A 76 31.85 -6.35 8.80
N THR A 77 32.66 -5.29 8.83
CA THR A 77 34.13 -5.32 9.08
C THR A 77 34.42 -5.43 10.58
N GLY A 78 33.48 -5.02 11.43
CA GLY A 78 33.66 -4.96 12.88
C GLY A 78 34.69 -3.94 13.30
N PHE A 79 34.92 -2.91 12.47
CA PHE A 79 35.90 -1.81 12.74
C PHE A 79 35.65 -1.22 14.15
N CYS A 80 36.69 -0.62 14.73
CA CYS A 80 36.66 0.08 16.03
C CYS A 80 35.91 1.41 15.80
N ALA A 81 34.96 1.77 16.68
CA ALA A 81 34.19 3.03 16.67
C ALA A 81 33.76 3.37 18.08
N ALA A 82 33.60 4.65 18.38
CA ALA A 82 32.83 5.03 19.59
C ALA A 82 31.47 4.35 19.45
N CYS A 83 30.96 3.85 20.57
CA CYS A 83 29.79 2.97 20.62
C CYS A 83 28.54 3.67 20.01
N HIS A 84 28.36 4.95 20.31
CA HIS A 84 27.20 5.76 19.86
C HIS A 84 27.26 6.01 18.35
N GLY A 85 28.46 6.12 17.78
CA GLY A 85 28.63 6.27 16.33
C GLY A 85 28.40 4.92 15.71
N CYS A 86 28.76 3.87 16.42
CA CYS A 86 28.42 2.49 15.99
C CYS A 86 26.91 2.33 15.99
N LEU A 87 26.23 2.91 16.98
CA LEU A 87 24.76 2.73 17.17
C LEU A 87 24.08 3.39 15.99
N PHE A 88 24.51 4.60 15.62
CA PHE A 88 23.89 5.33 14.48
C PHE A 88 23.96 4.46 13.21
N ILE A 89 25.13 3.92 12.89
CA ILE A 89 25.38 3.07 11.69
C ILE A 89 24.49 1.82 11.78
N ALA A 90 24.31 1.25 12.96
CA ALA A 90 23.51 0.02 13.22
C ALA A 90 22.00 0.29 13.04
N CYS A 91 21.48 1.44 13.49
CA CYS A 91 20.04 1.76 13.62
C CYS A 91 19.54 2.59 12.46
N PHE A 92 20.43 3.17 11.65
CA PHE A 92 19.89 4.10 10.63
C PHE A 92 18.83 3.36 9.78
N VAL A 93 19.08 2.14 9.32
CA VAL A 93 18.13 1.49 8.38
C VAL A 93 16.76 1.29 9.05
N LEU A 94 16.70 1.17 10.37
CA LEU A 94 15.43 1.07 11.10
C LEU A 94 14.58 2.34 10.88
N VAL A 95 15.22 3.49 10.67
CA VAL A 95 14.55 4.77 10.36
C VAL A 95 13.82 4.61 9.04
N LEU A 96 14.50 4.03 8.08
CA LEU A 96 13.99 3.91 6.68
C LEU A 96 12.90 2.83 6.59
N THR A 97 13.05 1.73 7.31
CA THR A 97 11.98 0.73 7.42
C THR A 97 10.77 1.38 8.12
N GLN A 98 10.97 2.12 9.20
CA GLN A 98 9.81 2.72 9.89
C GLN A 98 9.12 3.69 8.91
N SER A 99 9.88 4.53 8.20
CA SER A 99 9.31 5.47 7.22
C SER A 99 8.52 4.66 6.19
N SER A 100 9.04 3.51 5.74
CA SER A 100 8.33 2.62 4.79
C SER A 100 7.02 2.07 5.36
N ILE A 101 7.01 1.52 6.58
CA ILE A 101 5.76 1.07 7.25
C ILE A 101 4.71 2.22 7.20
N PHE A 102 5.12 3.46 7.56
CA PHE A 102 4.21 4.62 7.61
C PHE A 102 3.64 4.93 6.22
N SER A 103 4.50 4.99 5.19
CA SER A 103 4.03 5.25 3.81
C SER A 103 3.08 4.12 3.42
N LEU A 104 3.41 2.86 3.71
CA LEU A 104 2.53 1.78 3.23
C LEU A 104 1.19 1.92 3.96
N LEU A 105 1.19 2.19 5.26
CA LEU A 105 -0.06 2.33 6.07
C LEU A 105 -0.88 3.49 5.50
N ALA A 106 -0.24 4.63 5.15
CA ALA A 106 -0.99 5.82 4.67
C ALA A 106 -1.68 5.50 3.33
N ILE A 107 -1.02 4.71 2.47
CA ILE A 107 -1.54 4.32 1.13
C ILE A 107 -2.78 3.44 1.35
N ALA A 108 -2.71 2.51 2.30
CA ALA A 108 -3.83 1.59 2.59
C ALA A 108 -5.03 2.43 3.03
N ILE A 109 -4.84 3.38 3.95
CA ILE A 109 -5.95 4.21 4.49
C ILE A 109 -6.49 5.12 3.38
N ASP A 110 -5.62 5.76 2.61
CA ASP A 110 -6.01 6.53 1.41
C ASP A 110 -6.92 5.66 0.51
N ARG A 111 -6.51 4.45 0.15
CA ARG A 111 -7.35 3.61 -0.75
C ARG A 111 -8.69 3.23 -0.04
N TYR A 112 -8.67 3.00 1.26
CA TYR A 112 -9.89 2.71 2.05
C TYR A 112 -10.87 3.89 1.97
N ILE A 113 -10.37 5.10 2.08
CA ILE A 113 -11.20 6.34 2.08
C ILE A 113 -11.76 6.51 0.67
N ALA A 114 -10.90 6.31 -0.35
CA ALA A 114 -11.29 6.46 -1.77
C ALA A 114 -12.48 5.54 -2.06
N ILE A 115 -12.55 4.29 -1.52
CA ILE A 115 -13.65 3.33 -1.85
C ILE A 115 -14.86 3.45 -0.90
N ARG A 116 -14.71 3.95 0.33
CA ARG A 116 -15.82 3.99 1.32
C ARG A 116 -16.69 5.24 1.13
N ILE A 117 -16.04 6.36 0.87
CA ILE A 117 -16.63 7.72 0.81
C ILE A 117 -15.96 8.47 -0.31
N PRO A 118 -16.05 8.01 -1.58
CA PRO A 118 -15.40 8.69 -2.72
C PRO A 118 -15.85 10.14 -2.91
N LEU A 119 -17.10 10.44 -2.52
N LEU A 119 -17.12 10.38 -2.52
CA LEU A 119 -17.67 11.81 -2.65
CA LEU A 119 -17.81 11.70 -2.46
C LEU A 119 -17.05 12.76 -1.62
C LEU A 119 -16.99 12.72 -1.65
N ARG A 120 -16.38 12.27 -0.56
CA ARG A 120 -15.73 13.14 0.46
C ARG A 120 -14.21 13.16 0.27
N TYR A 121 -13.69 12.24 -0.56
CA TYR A 121 -12.23 11.94 -0.67
C TYR A 121 -11.44 13.20 -0.95
N ASN A 122 -11.80 13.93 -2.01
CA ASN A 122 -11.03 15.11 -2.51
C ASN A 122 -10.97 16.20 -1.45
N GLY A 123 -12.02 16.34 -0.63
CA GLY A 123 -12.12 17.37 0.43
C GLY A 123 -11.40 16.93 1.67
N LEU A 124 -11.16 15.63 1.81
CA LEU A 124 -10.59 15.07 3.05
C LEU A 124 -9.08 14.84 2.86
N VAL A 125 -8.70 14.22 1.75
CA VAL A 125 -7.30 13.86 1.42
C VAL A 125 -6.83 14.83 0.32
N THR A 126 -6.15 15.92 0.71
CA THR A 126 -5.46 16.94 -0.12
C THR A 126 -3.95 16.74 -0.06
N GLY A 127 -3.26 17.22 -1.08
CA GLY A 127 -1.80 17.37 -1.14
C GLY A 127 -1.23 18.02 0.11
N THR A 128 -1.74 19.15 0.56
CA THR A 128 -1.19 19.89 1.75
C THR A 128 -1.22 18.99 2.99
N ARG A 129 -2.34 18.34 3.27
CA ARG A 129 -2.44 17.41 4.44
C ARG A 129 -1.50 16.23 4.26
N ALA A 130 -1.46 15.60 3.07
CA ALA A 130 -0.54 14.46 2.78
C ALA A 130 0.92 14.84 3.09
N LYS A 131 1.37 16.03 2.68
CA LYS A 131 2.75 16.50 2.95
C LYS A 131 3.00 16.70 4.45
N GLY A 132 2.05 17.26 5.18
CA GLY A 132 2.18 17.39 6.64
C GLY A 132 2.33 16.02 7.29
N ILE A 133 1.51 15.06 6.87
CA ILE A 133 1.52 13.66 7.37
C ILE A 133 2.88 13.02 7.08
N ILE A 134 3.45 13.26 5.90
CA ILE A 134 4.73 12.64 5.46
C ILE A 134 5.86 13.21 6.33
N ALA A 135 5.89 14.54 6.49
CA ALA A 135 6.85 15.25 7.37
C ALA A 135 6.73 14.69 8.81
N ILE A 136 5.53 14.55 9.34
CA ILE A 136 5.34 14.04 10.73
C ILE A 136 5.91 12.62 10.81
N CYS A 137 5.66 11.82 9.79
CA CYS A 137 6.02 10.38 9.76
C CYS A 137 7.55 10.22 9.65
N TRP A 138 8.22 11.12 8.95
CA TRP A 138 9.71 11.10 8.87
C TRP A 138 10.28 11.44 10.24
N VAL A 139 9.73 12.43 10.93
CA VAL A 139 10.19 12.76 12.31
C VAL A 139 10.01 11.52 13.19
N LEU A 140 8.81 10.94 13.21
CA LEU A 140 8.56 9.82 14.13
C LEU A 140 9.48 8.65 13.74
N SER A 141 9.82 8.48 12.47
CA SER A 141 10.68 7.35 11.98
C SER A 141 12.10 7.51 12.51
N PHE A 142 12.62 8.75 12.53
CA PHE A 142 13.93 9.06 13.18
C PHE A 142 13.86 8.76 14.69
N ALA A 143 12.77 9.12 15.36
CA ALA A 143 12.61 8.94 16.82
C ALA A 143 12.57 7.43 17.09
N ILE A 144 11.73 6.69 16.34
CA ILE A 144 11.53 5.24 16.61
C ILE A 144 12.83 4.48 16.27
N GLY A 145 13.39 4.72 15.10
CA GLY A 145 14.56 3.95 14.61
C GLY A 145 15.85 4.27 15.36
N LEU A 146 16.00 5.49 15.88
CA LEU A 146 17.19 5.84 16.68
C LEU A 146 16.89 5.79 18.17
N THR A 147 15.76 5.25 18.64
CA THR A 147 15.54 5.06 20.08
C THR A 147 16.78 4.54 20.78
N PRO A 148 17.56 3.53 20.28
CA PRO A 148 18.69 2.99 21.07
C PRO A 148 19.73 4.03 21.48
N MET A 149 19.81 5.07 20.69
CA MET A 149 20.69 6.21 20.88
C MET A 149 20.26 7.07 22.08
N LEU A 150 18.97 7.01 22.48
CA LEU A 150 18.41 7.63 23.69
C LEU A 150 18.87 6.90 24.96
N GLY A 151 19.36 5.67 24.86
CA GLY A 151 20.08 4.96 25.93
C GLY A 151 19.60 3.52 26.02
N TRP A 152 18.68 3.10 25.19
CA TRP A 152 18.30 1.68 25.22
C TRP A 152 19.34 0.91 24.34
N ASN A 153 20.49 0.60 24.92
CA ASN A 153 21.67 0.12 24.15
C ASN A 153 22.65 -0.62 25.08
N ASN A 154 23.64 -1.28 24.50
CA ASN A 154 24.61 -2.17 25.20
C ASN A 154 25.92 -1.41 25.34
N CYS A 155 25.95 -0.14 24.97
CA CYS A 155 27.17 0.68 25.15
C CYS A 155 27.68 0.68 26.60
N GLY A 156 26.81 0.53 27.61
CA GLY A 156 27.24 0.47 29.03
C GLY A 156 27.99 -0.81 29.38
N GLN A 157 27.86 -1.86 28.57
CA GLN A 157 28.44 -3.21 28.77
C GLN A 157 29.24 -3.63 27.53
N PRO A 158 30.33 -2.94 27.17
CA PRO A 158 31.17 -3.38 26.06
C PRO A 158 31.71 -4.83 26.18
N LYS A 159 31.82 -5.55 25.05
CA LYS A 159 32.67 -6.78 24.94
C LYS A 159 34.14 -6.39 25.08
N GLU A 160 34.77 -6.68 26.23
CA GLU A 160 36.16 -6.26 26.55
C GLU A 160 37.19 -7.10 25.79
N GLY A 161 36.88 -8.36 25.47
CA GLY A 161 37.77 -9.27 24.73
C GLY A 161 37.88 -8.91 23.25
N LYS A 162 36.75 -8.60 22.59
CA LYS A 162 36.73 -8.08 21.18
C LYS A 162 37.45 -6.73 21.12
N GLN A 163 37.23 -5.88 22.12
CA GLN A 163 37.78 -4.51 22.19
C GLN A 163 39.31 -4.60 22.28
N HIS A 164 39.84 -5.58 22.99
CA HIS A 164 41.31 -5.74 23.17
C HIS A 164 41.95 -6.44 21.97
N SER A 165 41.34 -7.49 21.42
CA SER A 165 41.86 -8.29 20.29
C SER A 165 41.98 -7.44 19.01
N GLN A 166 41.07 -6.48 18.81
CA GLN A 166 41.02 -5.57 17.62
C GLN A 166 41.77 -4.27 17.90
N GLY A 167 42.33 -4.10 19.10
CA GLY A 167 43.09 -2.92 19.54
C GLY A 167 42.28 -1.63 19.47
N CYS A 168 41.02 -1.65 19.90
CA CYS A 168 40.17 -0.43 19.97
C CYS A 168 40.66 0.47 21.11
N GLY A 169 40.46 1.78 21.00
CA GLY A 169 40.85 2.74 22.05
C GLY A 169 39.80 2.87 23.15
N GLU A 170 40.08 3.68 24.17
CA GLU A 170 39.15 4.06 25.26
C GLU A 170 37.85 4.59 24.62
N GLY A 171 36.68 4.12 25.10
CA GLY A 171 35.33 4.55 24.64
C GLY A 171 34.89 3.79 23.41
N GLN A 172 35.81 3.03 22.79
CA GLN A 172 35.58 2.38 21.48
C GLN A 172 35.11 0.94 21.67
N VAL A 173 34.31 0.44 20.74
CA VAL A 173 33.96 -1.00 20.62
C VAL A 173 34.25 -1.51 19.20
N ALA A 174 34.35 -2.83 19.08
CA ALA A 174 34.20 -3.58 17.82
C ALA A 174 32.76 -3.36 17.34
N CYS A 175 32.59 -2.67 16.24
CA CYS A 175 31.25 -2.24 15.81
C CYS A 175 30.54 -3.43 15.12
N LEU A 176 29.65 -4.08 15.88
CA LEU A 176 28.84 -5.25 15.50
C LEU A 176 27.42 -5.00 15.98
N PHE A 177 26.45 -5.12 15.08
CA PHE A 177 25.03 -4.82 15.35
C PHE A 177 24.61 -5.49 16.67
N GLU A 178 24.90 -6.78 16.82
CA GLU A 178 24.30 -7.62 17.89
C GLU A 178 25.03 -7.33 19.21
N ASP A 179 26.16 -6.63 19.17
CA ASP A 179 26.87 -6.22 20.39
C ASP A 179 26.38 -4.84 20.87
N VAL A 180 25.77 -4.01 20.02
CA VAL A 180 25.36 -2.68 20.50
C VAL A 180 23.83 -2.50 20.54
N VAL A 181 23.07 -3.24 19.73
CA VAL A 181 21.59 -3.07 19.71
C VAL A 181 21.02 -4.22 20.53
N PRO A 182 20.26 -3.95 21.63
CA PRO A 182 19.71 -5.01 22.46
C PRO A 182 18.69 -5.78 21.64
N MET A 183 18.55 -7.06 21.87
CA MET A 183 17.56 -7.88 21.17
C MET A 183 16.16 -7.64 21.76
N ASN A 184 16.00 -7.20 23.04
CA ASN A 184 14.64 -6.91 23.58
C ASN A 184 14.08 -5.75 22.78
N TYR A 185 14.91 -4.79 22.41
CA TYR A 185 14.51 -3.65 21.56
C TYR A 185 14.13 -4.20 20.17
N MET A 186 15.02 -4.95 19.55
CA MET A 186 14.76 -5.48 18.18
C MET A 186 13.51 -6.36 18.17
N VAL A 187 13.25 -7.14 19.20
CA VAL A 187 12.07 -8.05 19.14
C VAL A 187 10.83 -7.32 19.59
N TYR A 188 10.77 -6.86 20.83
CA TYR A 188 9.50 -6.33 21.40
C TYR A 188 9.16 -5.00 20.75
N PHE A 189 10.13 -4.11 20.64
CA PHE A 189 9.87 -2.72 20.21
C PHE A 189 9.91 -2.58 18.71
N ASN A 190 11.04 -2.92 18.09
CA ASN A 190 11.11 -2.83 16.62
C ASN A 190 10.16 -3.87 15.98
N PHE A 191 10.33 -5.17 16.21
CA PHE A 191 9.45 -6.15 15.48
C PHE A 191 7.98 -6.09 15.94
N PHE A 192 7.64 -6.47 17.18
CA PHE A 192 6.21 -6.61 17.59
C PHE A 192 5.51 -5.26 17.40
N ALA A 193 5.98 -4.18 18.06
CA ALA A 193 5.20 -2.92 18.16
C ALA A 193 5.26 -2.13 16.83
N CYS A 194 6.44 -2.01 16.22
CA CYS A 194 6.69 -1.00 15.14
C CYS A 194 6.56 -1.56 13.71
N VAL A 195 6.65 -2.88 13.55
CA VAL A 195 6.58 -3.56 12.24
C VAL A 195 5.35 -4.48 12.23
N LEU A 196 5.27 -5.44 13.14
CA LEU A 196 4.27 -6.50 13.07
C LEU A 196 2.89 -5.91 13.31
N VAL A 197 2.72 -5.03 14.28
CA VAL A 197 1.36 -4.48 14.52
C VAL A 197 0.94 -3.70 13.29
N PRO A 198 1.70 -2.72 12.77
CA PRO A 198 1.27 -2.04 11.55
C PRO A 198 1.01 -2.94 10.31
N LEU A 199 1.78 -4.02 10.08
CA LEU A 199 1.47 -4.92 8.93
C LEU A 199 0.09 -5.60 9.15
N LEU A 200 -0.21 -6.15 10.33
CA LEU A 200 -1.55 -6.69 10.67
C LEU A 200 -2.63 -5.61 10.45
N LEU A 201 -2.38 -4.37 10.82
CA LEU A 201 -3.39 -3.31 10.65
C LEU A 201 -3.62 -3.09 9.14
N MET A 202 -2.54 -3.00 8.35
CA MET A 202 -2.62 -2.86 6.87
C MET A 202 -3.34 -4.07 6.29
N LEU A 203 -3.07 -5.28 6.80
CA LEU A 203 -3.81 -6.49 6.34
C LEU A 203 -5.30 -6.22 6.51
N GLY A 204 -5.70 -5.69 7.66
CA GLY A 204 -7.11 -5.44 8.03
C GLY A 204 -7.77 -4.39 7.16
N VAL A 205 -7.09 -3.29 6.87
CA VAL A 205 -7.58 -2.22 5.97
C VAL A 205 -7.77 -2.81 4.57
N TYR A 206 -6.80 -3.58 4.03
CA TYR A 206 -6.94 -4.17 2.68
C TYR A 206 -8.14 -5.13 2.69
N LEU A 207 -8.30 -5.90 3.75
CA LEU A 207 -9.49 -6.76 3.87
C LEU A 207 -10.75 -5.90 3.77
N ARG A 208 -10.80 -4.77 4.48
CA ARG A 208 -11.99 -3.86 4.45
C ARG A 208 -12.17 -3.21 3.08
N ILE A 209 -11.11 -2.92 2.31
CA ILE A 209 -11.23 -2.44 0.90
C ILE A 209 -11.89 -3.53 0.03
N PHE A 210 -11.44 -4.78 0.12
CA PHE A 210 -11.92 -5.84 -0.79
C PHE A 210 -13.39 -6.16 -0.49
N LEU A 211 -13.76 -6.24 0.80
CA LEU A 211 -15.18 -6.39 1.28
C LEU A 211 -16.04 -5.22 0.80
N ALA A 212 -15.63 -3.99 1.02
CA ALA A 212 -16.35 -2.73 0.63
C ALA A 212 -16.63 -2.75 -0.87
N ALA A 213 -15.64 -3.16 -1.68
CA ALA A 213 -15.76 -3.29 -3.15
C ALA A 213 -16.80 -4.37 -3.48
N ARG A 214 -16.73 -5.52 -2.80
CA ARG A 214 -17.57 -6.70 -3.09
C ARG A 214 -19.03 -6.37 -2.75
N ARG A 215 -19.27 -5.63 -1.67
CA ARG A 215 -20.62 -5.21 -1.21
CA ARG A 215 -20.63 -5.22 -1.22
C ARG A 215 -21.19 -4.21 -2.21
N GLN A 216 -20.36 -3.33 -2.75
CA GLN A 216 -20.82 -2.28 -3.68
C GLN A 216 -21.15 -2.90 -5.05
N LEU A 217 -20.35 -3.85 -5.54
CA LEU A 217 -20.55 -4.58 -6.82
C LEU A 217 -21.86 -5.39 -6.73
N ALA A 218 -22.04 -6.14 -5.64
CA ALA A 218 -23.30 -6.81 -5.24
C ALA A 218 -24.46 -5.82 -5.33
N ASP A 219 -24.42 -4.69 -4.60
CA ASP A 219 -25.55 -3.72 -4.53
C ASP A 219 -25.93 -3.27 -5.94
N LEU A 220 -24.96 -3.02 -6.81
CA LEU A 220 -25.17 -2.56 -8.21
C LEU A 220 -25.87 -3.66 -9.03
N GLU A 221 -25.40 -4.91 -8.91
CA GLU A 221 -25.97 -6.11 -9.59
C GLU A 221 -27.41 -6.30 -9.10
N ASP A 222 -27.62 -6.13 -7.79
CA ASP A 222 -28.90 -6.27 -7.06
C ASP A 222 -29.94 -5.26 -7.58
N ASN A 223 -29.58 -3.99 -7.58
CA ASN A 223 -30.42 -2.86 -8.06
C ASN A 223 -30.87 -3.15 -9.50
N TRP A 224 -29.91 -3.55 -10.35
CA TRP A 224 -30.11 -3.91 -11.77
C TRP A 224 -31.12 -5.04 -11.89
N GLU A 225 -31.01 -6.06 -11.03
CA GLU A 225 -31.92 -7.24 -10.98
C GLU A 225 -33.34 -6.85 -10.55
N THR A 226 -33.51 -5.91 -9.60
CA THR A 226 -34.85 -5.44 -9.10
C THR A 226 -35.64 -4.86 -10.28
N LEU A 227 -35.07 -3.83 -10.93
CA LEU A 227 -35.62 -3.26 -12.17
C LEU A 227 -36.06 -4.39 -13.10
N ASN A 228 -35.15 -5.27 -13.50
CA ASN A 228 -35.40 -6.30 -14.54
C ASN A 228 -36.46 -7.30 -14.03
N ASP A 229 -36.36 -7.70 -12.76
CA ASP A 229 -37.36 -8.56 -12.09
C ASP A 229 -38.71 -7.86 -12.08
N ASN A 230 -38.78 -6.64 -11.55
CA ASN A 230 -40.06 -5.91 -11.29
C ASN A 230 -40.76 -5.59 -12.62
N LEU A 231 -40.02 -5.41 -13.72
CA LEU A 231 -40.55 -5.34 -15.12
C LEU A 231 -41.37 -6.61 -15.43
N LYS A 232 -40.89 -7.78 -14.98
CA LYS A 232 -41.62 -9.08 -15.13
C LYS A 232 -42.86 -9.08 -14.22
N VAL A 233 -42.76 -8.61 -12.96
CA VAL A 233 -43.90 -8.52 -11.99
C VAL A 233 -45.01 -7.62 -12.56
N ILE A 234 -44.65 -6.54 -13.27
CA ILE A 234 -45.61 -5.61 -13.92
C ILE A 234 -46.21 -6.32 -15.15
N GLU A 235 -45.39 -7.02 -15.92
CA GLU A 235 -45.76 -7.51 -17.29
C GLU A 235 -46.58 -8.81 -17.18
N LYS A 236 -46.80 -9.30 -15.96
CA LYS A 236 -47.61 -10.52 -15.67
C LYS A 236 -49.00 -10.05 -15.23
N ALA A 237 -49.92 -9.94 -16.20
CA ALA A 237 -51.39 -9.82 -16.04
C ALA A 237 -52.03 -11.21 -16.19
N ASN A 239 -54.41 -7.35 -11.57
CA ASN A 239 -54.54 -6.39 -10.43
C ASN A 239 -53.66 -5.15 -10.69
N ALA A 240 -54.06 -3.99 -10.15
CA ALA A 240 -53.48 -2.64 -10.35
C ALA A 240 -52.67 -2.18 -9.13
N ALA A 241 -53.11 -2.50 -7.91
CA ALA A 241 -52.34 -2.34 -6.65
C ALA A 241 -51.11 -3.28 -6.68
N GLN A 242 -51.11 -4.26 -7.59
CA GLN A 242 -50.02 -5.24 -7.89
C GLN A 242 -48.91 -4.54 -8.66
N VAL A 243 -49.30 -3.75 -9.66
CA VAL A 243 -48.39 -2.95 -10.53
C VAL A 243 -47.82 -1.81 -9.67
N LYS A 244 -48.66 -1.15 -8.85
CA LYS A 244 -48.26 -0.04 -7.94
C LYS A 244 -47.09 -0.45 -7.03
N ASP A 245 -47.18 -1.65 -6.45
CA ASP A 245 -46.19 -2.24 -5.50
C ASP A 245 -44.88 -2.50 -6.26
N ALA A 246 -44.93 -3.04 -7.48
CA ALA A 246 -43.73 -3.25 -8.34
C ALA A 246 -43.10 -1.89 -8.71
N LEU A 247 -43.92 -0.92 -9.09
CA LEU A 247 -43.48 0.44 -9.49
C LEU A 247 -42.92 1.21 -8.29
N THR A 248 -43.44 0.98 -7.08
CA THR A 248 -43.00 1.72 -5.86
C THR A 248 -41.58 1.24 -5.52
N LYS A 249 -41.32 -0.04 -5.81
CA LYS A 249 -40.05 -0.79 -5.55
C LYS A 249 -38.99 -0.42 -6.60
N MET A 250 -39.40 0.01 -7.80
CA MET A 250 -38.47 0.41 -8.88
C MET A 250 -38.06 1.88 -8.71
N ARG A 251 -38.97 2.69 -8.12
CA ARG A 251 -38.76 4.12 -7.82
C ARG A 251 -37.77 4.28 -6.65
N ALA A 252 -37.83 3.40 -5.65
CA ALA A 252 -36.84 3.31 -4.56
C ALA A 252 -35.48 2.94 -5.15
N ALA A 253 -35.43 1.95 -6.07
CA ALA A 253 -34.22 1.29 -6.62
C ALA A 253 -33.54 2.15 -7.71
N ALA A 254 -34.33 2.94 -8.47
CA ALA A 254 -33.83 3.96 -9.42
C ALA A 254 -33.15 5.10 -8.63
N LEU A 255 -33.79 5.59 -7.57
CA LEU A 255 -33.27 6.64 -6.63
C LEU A 255 -31.96 6.16 -5.98
N ASP A 256 -31.98 4.95 -5.45
CA ASP A 256 -30.87 4.30 -4.71
C ASP A 256 -29.64 4.15 -5.63
N ALA A 257 -29.82 3.91 -6.94
CA ALA A 257 -28.73 3.81 -7.95
C ALA A 257 -28.11 5.20 -8.19
N GLN A 258 -28.96 6.22 -8.21
CA GLN A 258 -28.63 7.67 -8.33
C GLN A 258 -27.83 8.14 -7.10
N LYS A 259 -28.27 7.73 -5.90
CA LYS A 259 -27.67 8.05 -4.56
C LYS A 259 -26.51 7.08 -4.27
N MET A 275 -22.44 14.17 -15.53
CA MET A 275 -23.43 15.12 -14.94
C MET A 275 -24.76 15.00 -15.69
N LYS A 276 -24.76 15.28 -17.01
CA LYS A 276 -25.97 15.47 -17.86
C LYS A 276 -26.42 14.14 -18.50
N ASP A 277 -25.60 13.52 -19.38
CA ASP A 277 -25.87 12.20 -20.04
C ASP A 277 -26.32 11.21 -18.94
N PHE A 278 -25.66 11.29 -17.78
CA PHE A 278 -25.94 10.52 -16.54
C PHE A 278 -27.32 10.95 -15.99
N ARG A 279 -27.41 12.16 -15.41
CA ARG A 279 -28.57 12.64 -14.60
C ARG A 279 -29.82 12.79 -15.49
N HIS A 280 -29.70 12.64 -16.83
CA HIS A 280 -30.84 12.65 -17.80
C HIS A 280 -31.53 11.28 -17.84
N GLY A 281 -30.75 10.18 -17.86
CA GLY A 281 -31.27 8.80 -17.89
C GLY A 281 -32.20 8.53 -16.72
N PHE A 282 -31.84 9.00 -15.51
CA PHE A 282 -32.58 8.75 -14.24
C PHE A 282 -33.82 9.64 -14.15
N ASP A 283 -33.72 10.91 -14.59
CA ASP A 283 -34.87 11.84 -14.71
C ASP A 283 -35.93 11.21 -15.62
N ILE A 284 -35.52 10.67 -16.77
CA ILE A 284 -36.45 9.98 -17.71
C ILE A 284 -37.05 8.81 -16.93
N LEU A 285 -36.23 8.09 -16.17
CA LEU A 285 -36.62 6.80 -15.55
C LEU A 285 -37.71 7.01 -14.48
N VAL A 286 -37.46 7.92 -13.55
CA VAL A 286 -38.40 8.30 -12.45
C VAL A 286 -39.63 8.98 -13.07
N GLY A 287 -39.43 9.67 -14.19
CA GLY A 287 -40.53 10.25 -14.99
C GLY A 287 -41.43 9.15 -15.48
N GLN A 288 -40.87 8.07 -16.03
CA GLN A 288 -41.67 7.01 -16.68
C GLN A 288 -42.39 6.22 -15.58
N ILE A 289 -41.75 6.07 -14.44
CA ILE A 289 -42.28 5.33 -13.25
C ILE A 289 -43.43 6.12 -12.62
N ASP A 290 -43.27 7.41 -12.37
CA ASP A 290 -44.34 8.29 -11.79
C ASP A 290 -45.55 8.31 -12.74
N ASP A 291 -45.34 8.29 -14.06
CA ASP A 291 -46.39 8.28 -15.12
C ASP A 291 -47.21 6.98 -15.01
N ALA A 292 -46.52 5.85 -14.88
CA ALA A 292 -47.11 4.51 -14.63
C ALA A 292 -47.80 4.47 -13.25
N LEU A 293 -47.27 5.22 -12.28
CA LEU A 293 -47.82 5.35 -10.89
C LEU A 293 -49.16 6.06 -10.94
N LYS A 294 -49.27 7.15 -11.70
CA LYS A 294 -50.49 7.98 -11.75
C LYS A 294 -51.62 7.10 -12.32
N LEU A 295 -51.32 6.33 -13.38
CA LEU A 295 -52.30 5.44 -14.06
C LEU A 295 -52.77 4.37 -13.08
N ALA A 296 -51.86 3.80 -12.30
CA ALA A 296 -52.11 2.72 -11.30
C ALA A 296 -53.02 3.24 -10.16
N ASN A 297 -52.74 4.43 -9.62
CA ASN A 297 -53.58 5.10 -8.59
C ASN A 297 -55.02 5.24 -9.13
N GLU A 298 -55.18 5.81 -10.33
CA GLU A 298 -56.48 5.95 -11.06
C GLU A 298 -57.10 4.56 -11.30
N GLY A 299 -56.25 3.56 -11.59
CA GLY A 299 -56.66 2.14 -11.67
C GLY A 299 -56.54 1.56 -13.07
N LYS A 300 -56.15 2.38 -14.05
CA LYS A 300 -55.92 1.97 -15.47
C LYS A 300 -54.74 0.99 -15.51
N VAL A 301 -55.01 -0.30 -15.30
CA VAL A 301 -53.99 -1.39 -15.27
C VAL A 301 -53.24 -1.42 -16.61
N LYS A 302 -53.95 -1.54 -17.73
CA LYS A 302 -53.36 -1.70 -19.08
C LYS A 302 -52.47 -0.50 -19.43
N GLU A 303 -52.90 0.72 -19.04
CA GLU A 303 -52.16 1.96 -19.36
C GLU A 303 -50.80 1.89 -18.63
N ALA A 304 -50.83 1.51 -17.34
CA ALA A 304 -49.65 1.36 -16.46
C ALA A 304 -48.69 0.30 -16.99
N GLN A 305 -49.17 -0.76 -17.63
CA GLN A 305 -48.36 -1.86 -18.21
C GLN A 305 -47.61 -1.37 -19.45
N ALA A 306 -48.27 -0.57 -20.30
CA ALA A 306 -47.68 0.04 -21.51
C ALA A 306 -46.67 1.09 -21.06
N ALA A 307 -47.07 1.89 -20.07
CA ALA A 307 -46.27 2.98 -19.46
C ALA A 307 -44.94 2.42 -18.97
N ALA A 308 -44.98 1.16 -18.48
CA ALA A 308 -43.86 0.44 -17.85
C ALA A 308 -42.87 -0.11 -18.90
N GLU A 309 -43.31 -0.41 -20.13
CA GLU A 309 -42.43 -0.96 -21.20
C GLU A 309 -41.51 0.13 -21.81
N GLN A 310 -41.91 1.41 -21.78
CA GLN A 310 -41.01 2.52 -22.26
C GLN A 310 -39.67 2.40 -21.51
N LEU A 311 -39.73 2.09 -20.21
CA LEU A 311 -38.59 1.99 -19.27
C LEU A 311 -37.51 1.11 -19.87
N LYS A 312 -37.88 -0.07 -20.39
CA LYS A 312 -36.93 -1.05 -20.99
C LYS A 312 -35.93 -0.33 -21.91
N THR A 313 -36.40 0.62 -22.72
CA THR A 313 -35.59 1.39 -23.71
C THR A 313 -34.69 2.39 -22.99
N THR A 314 -35.13 2.93 -21.85
CA THR A 314 -34.34 3.92 -21.07
C THR A 314 -33.24 3.19 -20.30
N ARG A 315 -33.53 1.96 -19.89
CA ARG A 315 -32.55 1.01 -19.29
C ARG A 315 -31.38 0.86 -20.27
N ASN A 316 -31.66 0.48 -21.53
CA ASN A 316 -30.64 0.20 -22.57
C ASN A 316 -29.74 1.42 -22.74
N ALA A 317 -30.31 2.53 -23.23
CA ALA A 317 -29.59 3.71 -23.74
C ALA A 317 -28.97 4.55 -22.62
N TYR A 318 -29.35 4.33 -21.35
CA TYR A 318 -28.86 5.13 -20.20
C TYR A 318 -28.34 4.27 -19.03
N ILE A 319 -29.24 3.53 -18.36
CA ILE A 319 -29.02 2.92 -17.02
C ILE A 319 -27.90 1.86 -17.10
N GLN A 320 -27.92 1.02 -18.14
CA GLN A 320 -26.90 -0.03 -18.42
C GLN A 320 -25.52 0.62 -18.65
N LYS A 321 -25.48 1.84 -19.17
CA LYS A 321 -24.22 2.60 -19.36
C LYS A 321 -23.66 3.04 -18.00
N TYR A 322 -24.47 3.62 -17.10
CA TYR A 322 -24.05 3.99 -15.72
C TYR A 322 -23.54 2.73 -14.98
N LEU A 323 -24.36 1.68 -14.89
CA LEU A 323 -24.02 0.38 -14.28
C LEU A 323 -22.65 -0.10 -14.78
N GLU A 324 -22.46 -0.19 -16.09
CA GLU A 324 -21.21 -0.78 -16.61
C GLU A 324 -20.04 0.09 -16.14
N ARG A 325 -20.22 1.40 -16.12
CA ARG A 325 -19.16 2.38 -15.76
C ARG A 325 -18.83 2.26 -14.26
N ALA A 326 -19.84 2.11 -13.40
CA ALA A 326 -19.67 1.99 -11.93
C ALA A 326 -18.94 0.67 -11.61
N ARG A 327 -19.24 -0.40 -12.32
CA ARG A 327 -18.63 -1.76 -12.15
C ARG A 327 -17.16 -1.66 -12.52
N SER A 328 -16.87 -1.02 -13.64
CA SER A 328 -15.53 -0.83 -14.26
C SER A 328 -14.61 -0.03 -13.31
N THR A 329 -15.12 1.05 -12.73
CA THR A 329 -14.41 1.85 -11.69
C THR A 329 -14.10 0.97 -10.46
N LEU A 330 -15.07 0.22 -9.96
CA LEU A 330 -14.82 -0.60 -8.76
C LEU A 330 -13.77 -1.69 -9.05
N GLN A 331 -13.85 -2.37 -10.20
CA GLN A 331 -12.88 -3.40 -10.65
C GLN A 331 -11.47 -2.80 -10.71
N LYS A 332 -11.32 -1.54 -11.13
CA LYS A 332 -10.02 -0.83 -11.22
C LYS A 332 -9.46 -0.56 -9.83
N GLU A 333 -10.34 -0.21 -8.90
CA GLU A 333 -10.00 0.00 -7.48
C GLU A 333 -9.56 -1.33 -6.88
N VAL A 334 -10.23 -2.43 -7.25
CA VAL A 334 -9.85 -3.77 -6.72
C VAL A 334 -8.45 -4.09 -7.26
N HIS A 335 -8.20 -3.88 -8.54
CA HIS A 335 -6.93 -4.28 -9.17
C HIS A 335 -5.82 -3.44 -8.50
N ALA A 336 -6.05 -2.13 -8.40
CA ALA A 336 -5.09 -1.18 -7.85
C ALA A 336 -4.77 -1.61 -6.41
N ALA A 337 -5.79 -2.07 -5.66
CA ALA A 337 -5.62 -2.39 -4.23
C ALA A 337 -4.85 -3.72 -4.09
N LYS A 338 -5.08 -4.68 -4.99
CA LYS A 338 -4.23 -5.90 -5.13
C LYS A 338 -2.74 -5.52 -5.33
N SER A 339 -2.46 -4.61 -6.23
CA SER A 339 -1.08 -4.19 -6.60
C SER A 339 -0.37 -3.62 -5.38
N LEU A 340 -1.06 -2.75 -4.62
CA LEU A 340 -0.45 -2.05 -3.45
C LEU A 340 -0.30 -3.05 -2.32
N ALA A 341 -1.15 -4.05 -2.26
CA ALA A 341 -1.04 -5.09 -1.22
C ALA A 341 0.10 -6.05 -1.57
N ILE A 342 0.36 -6.28 -2.86
CA ILE A 342 1.55 -7.11 -3.24
C ILE A 342 2.80 -6.42 -2.64
N ILE A 343 2.83 -5.09 -2.67
CA ILE A 343 3.99 -4.33 -2.16
C ILE A 343 4.17 -4.55 -0.65
N VAL A 344 3.07 -4.65 0.09
CA VAL A 344 3.11 -4.94 1.55
C VAL A 344 3.60 -6.38 1.73
N GLY A 345 3.05 -7.35 1.00
CA GLY A 345 3.50 -8.77 1.07
C GLY A 345 4.99 -8.92 0.86
N LEU A 346 5.55 -8.24 -0.14
CA LEU A 346 6.98 -8.30 -0.50
C LEU A 346 7.87 -7.66 0.57
N PHE A 347 7.39 -6.59 1.21
CA PHE A 347 8.02 -5.97 2.39
C PHE A 347 8.08 -7.02 3.51
N ALA A 348 6.97 -7.68 3.77
CA ALA A 348 6.87 -8.60 4.91
C ALA A 348 7.84 -9.75 4.64
N LEU A 349 7.80 -10.25 3.42
CA LEU A 349 8.64 -11.39 2.97
C LEU A 349 10.12 -11.06 3.12
N CYS A 350 10.52 -9.86 2.72
CA CYS A 350 11.93 -9.45 2.62
C CYS A 350 12.49 -9.18 4.01
N TRP A 351 11.69 -8.63 4.96
CA TRP A 351 12.17 -8.29 6.32
C TRP A 351 11.91 -9.41 7.31
N LEU A 352 10.90 -10.21 7.08
CA LEU A 352 10.58 -11.23 8.11
C LEU A 352 11.79 -12.09 8.47
N PRO A 353 12.63 -12.61 7.55
CA PRO A 353 13.68 -13.54 7.95
C PRO A 353 14.61 -12.95 9.01
N LEU A 354 15.04 -11.71 8.84
CA LEU A 354 15.92 -10.98 9.81
C LEU A 354 15.14 -10.92 11.15
N HIS A 355 13.87 -10.61 11.15
CA HIS A 355 13.12 -10.55 12.43
C HIS A 355 13.04 -11.93 13.10
N ILE A 356 12.85 -13.00 12.32
CA ILE A 356 12.68 -14.35 12.89
C ILE A 356 14.02 -14.77 13.50
N ILE A 357 15.10 -14.41 12.84
CA ILE A 357 16.45 -14.66 13.38
C ILE A 357 16.63 -13.90 14.70
N ASN A 358 16.20 -12.66 14.80
CA ASN A 358 16.36 -11.96 16.12
C ASN A 358 15.48 -12.68 17.14
N CYS A 359 14.26 -13.05 16.78
CA CYS A 359 13.37 -13.77 17.74
C CYS A 359 14.04 -15.04 18.24
N PHE A 360 14.65 -15.87 17.37
CA PHE A 360 15.40 -17.08 17.80
C PHE A 360 16.54 -16.69 18.76
N THR A 361 17.34 -15.67 18.44
CA THR A 361 18.45 -15.21 19.30
C THR A 361 17.93 -14.85 20.70
N PHE A 362 16.85 -14.10 20.78
CA PHE A 362 16.33 -13.55 22.05
C PHE A 362 15.63 -14.65 22.86
N PHE A 363 14.64 -15.32 22.28
CA PHE A 363 13.69 -16.19 23.01
C PHE A 363 14.36 -17.55 23.23
N CYS A 364 15.28 -18.00 22.35
CA CYS A 364 15.91 -19.35 22.45
C CYS A 364 17.41 -19.26 22.54
N PRO A 365 17.97 -18.81 23.68
CA PRO A 365 19.43 -18.63 23.80
C PRO A 365 20.15 -19.98 23.73
N ASP A 366 19.46 -21.09 23.98
CA ASP A 366 20.02 -22.46 23.77
C ASP A 366 20.11 -22.88 22.30
N CYS A 367 19.43 -22.23 21.36
CA CYS A 367 19.42 -22.60 19.93
C CYS A 367 20.72 -22.16 19.29
N SER A 368 21.26 -22.97 18.39
CA SER A 368 22.40 -22.54 17.53
C SER A 368 22.02 -21.26 16.79
N HIS A 369 22.98 -20.35 16.73
CA HIS A 369 22.93 -19.10 15.93
C HIS A 369 22.89 -19.50 14.46
N ALA A 370 22.22 -18.71 13.62
CA ALA A 370 22.31 -18.82 12.16
C ALA A 370 23.76 -18.70 11.74
N PRO A 371 24.24 -19.50 10.79
CA PRO A 371 25.58 -19.31 10.23
C PRO A 371 25.75 -17.90 9.65
N LEU A 372 26.98 -17.40 9.63
CA LEU A 372 27.31 -16.07 9.11
C LEU A 372 26.74 -15.95 7.69
N TRP A 373 26.79 -16.98 6.86
CA TRP A 373 26.48 -16.84 5.42
C TRP A 373 24.96 -16.57 5.31
N LEU A 374 24.21 -17.13 6.24
CA LEU A 374 22.73 -16.97 6.25
C LEU A 374 22.29 -15.62 6.85
N MET A 375 22.99 -15.11 7.87
CA MET A 375 22.85 -13.71 8.34
C MET A 375 22.98 -12.78 7.14
N TYR A 376 24.01 -13.00 6.31
CA TYR A 376 24.36 -12.13 5.17
C TYR A 376 23.22 -12.25 4.16
N LEU A 377 22.69 -13.45 3.98
CA LEU A 377 21.62 -13.66 2.99
C LEU A 377 20.35 -12.93 3.44
N ALA A 378 19.97 -13.07 4.71
CA ALA A 378 18.86 -12.34 5.33
C ALA A 378 19.04 -10.82 5.15
N ILE A 379 20.25 -10.31 5.33
CA ILE A 379 20.48 -8.85 5.18
C ILE A 379 20.26 -8.48 3.71
N VAL A 380 20.84 -9.23 2.80
CA VAL A 380 20.76 -8.99 1.33
C VAL A 380 19.29 -9.04 0.94
N LEU A 381 18.54 -9.98 1.48
CA LEU A 381 17.11 -10.13 1.11
C LEU A 381 16.42 -8.83 1.55
N SER A 382 16.82 -8.27 2.68
CA SER A 382 16.13 -7.09 3.23
C SER A 382 16.39 -5.90 2.30
N HIS A 383 17.60 -5.80 1.74
CA HIS A 383 17.98 -4.68 0.83
C HIS A 383 17.25 -4.78 -0.51
N THR A 384 16.98 -6.00 -0.94
CA THR A 384 16.35 -6.39 -2.22
C THR A 384 14.93 -5.79 -2.27
N ASN A 385 14.31 -5.61 -1.11
CA ASN A 385 12.99 -4.97 -1.06
C ASN A 385 13.03 -3.56 -1.69
N SER A 386 14.18 -2.90 -1.70
CA SER A 386 14.36 -1.50 -2.18
C SER A 386 14.59 -1.49 -3.70
N VAL A 387 14.64 -2.69 -4.31
CA VAL A 387 14.65 -2.88 -5.79
C VAL A 387 13.26 -3.22 -6.31
N VAL A 388 12.40 -3.91 -5.54
CA VAL A 388 11.24 -4.60 -6.19
C VAL A 388 10.14 -3.58 -6.53
N ASN A 389 9.92 -2.52 -5.76
CA ASN A 389 8.70 -1.68 -5.93
C ASN A 389 8.60 -1.13 -7.36
N PRO A 390 9.67 -0.54 -7.96
CA PRO A 390 9.61 -0.10 -9.36
C PRO A 390 9.17 -1.17 -10.39
N PHE A 391 9.53 -2.43 -10.19
CA PHE A 391 9.04 -3.56 -11.01
C PHE A 391 7.55 -3.75 -10.79
N ILE A 392 7.02 -3.67 -9.55
CA ILE A 392 5.54 -3.83 -9.34
C ILE A 392 4.78 -2.69 -10.05
N TYR A 393 5.27 -1.47 -9.96
CA TYR A 393 4.61 -0.36 -10.66
C TYR A 393 4.67 -0.63 -12.17
N ALA A 394 5.80 -1.09 -12.70
CA ALA A 394 6.00 -1.26 -14.15
C ALA A 394 5.03 -2.34 -14.66
N TYR A 395 4.93 -3.45 -13.93
CA TYR A 395 4.11 -4.61 -14.31
C TYR A 395 2.62 -4.37 -14.08
N ARG A 396 2.21 -3.55 -13.12
CA ARG A 396 0.81 -3.62 -12.65
C ARG A 396 0.07 -2.31 -12.82
N ILE A 397 0.77 -1.22 -13.16
CA ILE A 397 0.11 0.11 -13.24
C ILE A 397 0.47 0.74 -14.58
N ARG A 398 -0.49 0.78 -15.50
CA ARG A 398 -0.31 1.27 -16.90
C ARG A 398 0.38 2.64 -16.88
N GLU A 399 -0.08 3.56 -16.06
CA GLU A 399 0.40 4.95 -16.11
C GLU A 399 1.89 5.05 -15.74
N PHE A 400 2.37 4.23 -14.81
CA PHE A 400 3.82 4.20 -14.47
C PHE A 400 4.58 3.59 -15.63
N ARG A 401 4.09 2.45 -16.11
CA ARG A 401 4.69 1.66 -17.21
C ARG A 401 4.90 2.57 -18.43
N GLN A 402 3.84 3.24 -18.86
CA GLN A 402 3.88 4.14 -20.04
C GLN A 402 4.84 5.29 -19.73
N THR A 403 4.80 5.84 -18.53
CA THR A 403 5.73 6.95 -18.21
C THR A 403 7.14 6.39 -18.23
N PHE A 404 7.37 5.15 -17.77
CA PHE A 404 8.75 4.58 -17.70
C PHE A 404 9.37 4.46 -19.11
N ARG A 405 8.57 4.08 -20.12
CA ARG A 405 9.00 3.97 -21.54
C ARG A 405 9.35 5.37 -22.09
N LYS A 406 8.43 6.32 -22.02
CA LYS A 406 8.66 7.73 -22.45
C LYS A 406 10.02 8.13 -21.92
N ILE A 407 10.33 7.89 -20.65
CA ILE A 407 11.58 8.38 -19.99
C ILE A 407 12.78 7.57 -20.52
N ILE A 408 12.62 6.27 -20.69
CA ILE A 408 13.72 5.37 -21.14
C ILE A 408 13.98 5.63 -22.65
N ARG A 409 12.92 5.71 -23.47
CA ARG A 409 12.98 6.04 -24.93
C ARG A 409 13.66 7.41 -25.13
N SER A 410 13.09 8.51 -24.66
CA SER A 410 13.82 9.81 -24.66
C SER A 410 15.29 9.61 -24.22
N HIS A 411 15.53 9.38 -22.93
CA HIS A 411 16.81 9.68 -22.22
C HIS A 411 17.84 8.54 -22.26
N VAL A 412 17.43 7.28 -22.48
CA VAL A 412 18.38 6.13 -22.54
C VAL A 412 18.59 5.72 -24.00
N LEU A 413 17.54 5.43 -24.78
CA LEU A 413 17.58 5.37 -26.27
C LEU A 413 18.37 6.59 -26.79
N ARG A 414 18.15 7.77 -26.20
CA ARG A 414 18.85 9.03 -26.52
C ARG A 414 19.25 9.76 -25.22
C8 JQR B . 15.07 -6.21 11.69
C12 JQR B . 21.54 -4.47 10.15
C11 JQR B . 20.08 -4.98 10.29
C10 JQR B . 16.72 -5.00 10.87
C9 JQR B . 15.31 -5.06 10.97
C14 JQR B . 23.11 -2.61 10.13
C17 JQR B . 22.33 -5.05 8.92
C6 JQR B . 17.19 -6.11 11.56
C4 JQR B . 18.57 -6.56 11.75
C2 JQR B . 19.95 -7.93 12.75
C13 JQR B . 21.64 -2.94 10.25
C16 JQR B . 23.71 -4.36 8.79
C5 JQR B . 19.82 -6.10 11.23
N3 JQR B . 18.70 -7.60 12.61
O11 JQR B . 19.22 -4.52 9.53
O15 JQR B . 23.60 -2.96 8.80
O7 JQR B . 16.17 -6.86 12.04
S1 JQR B . 21.18 -6.99 11.89
N7' JQR B . 20.35 -9.01 13.50
C7' JQR B . 21.66 -9.38 13.68
O7' JQR B . 22.58 -8.83 13.15
C3' JQR B . 22.07 -10.53 14.47
C2' JQR B . 21.13 -11.32 15.13
N1' JQR B . 21.51 -12.43 15.82
C6' JQR B . 22.81 -12.80 15.86
C8' JQR B . 23.22 -14.01 16.67
C5' JQR B . 23.79 -12.08 15.19
C4' JQR B . 23.41 -10.97 14.48
C1 CLR C . 10.34 -18.95 20.39
C2 CLR C . 11.35 -19.67 21.27
C3 CLR C . 11.33 -21.15 21.02
C4 CLR C . 11.64 -21.43 19.56
C5 CLR C . 10.80 -20.62 18.58
C6 CLR C . 10.31 -21.19 17.50
C7 CLR C . 9.46 -20.52 16.46
C8 CLR C . 9.48 -19.00 16.58
C9 CLR C . 9.44 -18.57 18.06
C10 CLR C . 10.63 -19.12 18.88
C11 CLR C . 9.30 -17.05 18.22
C12 CLR C . 8.16 -16.44 17.39
C13 CLR C . 8.29 -16.82 15.91
C14 CLR C . 8.33 -18.36 15.83
C15 CLR C . 8.16 -18.65 14.34
C16 CLR C . 7.17 -17.56 13.86
C17 CLR C . 7.06 -16.51 15.00
C18 CLR C . 9.55 -16.16 15.32
C19 CLR C . 11.95 -18.40 18.54
C20 CLR C . 6.87 -15.08 14.46
C21 CLR C . 6.96 -14.01 15.55
C22 CLR C . 5.56 -14.94 13.70
C23 CLR C . 5.61 -14.02 12.52
C24 CLR C . 4.34 -13.31 12.24
C25 CLR C . 3.52 -13.92 11.13
C26 CLR C . 2.08 -13.44 11.23
C27 CLR C . 4.10 -13.58 9.77
O1 CLR C . 12.31 -21.78 21.86
C1 CLR D . 32.92 6.77 12.67
C2 CLR D . 33.71 6.08 13.79
C3 CLR D . 33.65 6.90 15.05
C4 CLR D . 32.21 7.07 15.47
C5 CLR D . 31.38 7.71 14.37
C6 CLR D . 30.69 8.81 14.62
C7 CLR D . 29.69 9.42 13.70
C8 CLR D . 29.49 8.63 12.40
C9 CLR D . 30.81 7.97 11.95
C10 CLR D . 31.42 7.03 13.01
C11 CLR D . 30.66 7.31 10.57
C12 CLR D . 30.10 8.26 9.51
C13 CLR D . 28.75 8.85 9.94
C14 CLR D . 28.98 9.53 11.30
C15 CLR D . 27.69 10.31 11.53
C16 CLR D . 27.34 10.83 10.12
C17 CLR D . 28.24 10.07 9.11
C18 CLR D . 27.68 7.77 10.02
C19 CLR D . 30.66 5.69 13.06
C20 CLR D . 27.55 9.85 7.75
C21 CLR D . 28.44 9.14 6.74
C22 CLR D . 27.05 11.19 7.21
C23 CLR D . 26.27 11.16 5.94
C24 CLR D . 25.85 12.54 5.50
C25 CLR D . 24.72 12.58 4.46
C26 CLR D . 24.33 14.02 4.11
C27 CLR D . 25.08 11.80 3.20
O1 CLR D . 34.37 6.27 16.12
C1 CLR E . 16.23 -21.28 13.55
C2 CLR E . 17.11 -21.66 14.74
C3 CLR E . 18.29 -22.50 14.33
C4 CLR E . 19.08 -21.81 13.24
C5 CLR E . 18.21 -21.36 12.08
C6 CLR E . 18.53 -21.71 10.84
C7 CLR E . 17.80 -21.27 9.61
C8 CLR E . 16.82 -20.12 9.88
C9 CLR E . 16.05 -20.37 11.19
C10 CLR E . 16.99 -20.53 12.43
C11 CLR E . 14.93 -19.34 11.39
C12 CLR E . 14.02 -19.17 10.18
C13 CLR E . 14.79 -18.87 8.89
C14 CLR E . 15.83 -19.99 8.73
C15 CLR E . 16.35 -19.84 7.30
C16 CLR E . 15.18 -19.19 6.52
C17 CLR E . 14.03 -19.03 7.55
C18 CLR E . 15.44 -17.48 8.99
C19 CLR E . 17.46 -19.16 12.95
C20 CLR E . 12.98 -17.99 7.09
C21 CLR E . 11.84 -17.83 8.09
C22 CLR E . 12.42 -18.37 5.70
C23 CLR E . 12.88 -17.50 4.55
C24 CLR E . 12.18 -17.85 3.24
C25 CLR E . 10.98 -16.96 2.84
C26 CLR E . 10.08 -16.63 4.02
C27 CLR E . 11.45 -15.69 2.14
O1 CLR E . 19.14 -22.73 15.46
C9 OLC F . 3.34 -11.97 17.66
C8 OLC F . 3.84 -13.40 17.82
C24 OLC F . 11.02 -19.46 27.59
C7 OLC F . 3.94 -13.72 19.32
C6 OLC F . 5.05 -14.70 19.58
C5 OLC F . 5.43 -14.73 21.05
C4 OLC F . 6.52 -15.77 21.26
C3 OLC F . 6.98 -15.85 22.71
C2 OLC F . 7.89 -17.06 22.86
C21 OLC F . 9.58 -18.80 25.67
C1 OLC F . 8.51 -17.13 24.22
C22 OLC F . 10.64 -18.31 26.64
O19 OLC F . 8.12 -16.45 25.14
O25 OLC F . 12.12 -20.21 27.04
O23 OLC F . 11.78 -17.86 25.90
O20 OLC F . 9.60 -18.01 24.49
C18 OLC G . 11.67 -10.30 -3.56
C10 OLC G . 19.83 -12.21 -3.80
C9 OLC G . 21.07 -12.49 -4.23
C17 OLC G . 12.46 -11.06 -4.57
C11 OLC G . 19.05 -13.10 -2.83
C8 OLC G . 21.84 -13.73 -3.80
C24 OLC G . 31.36 -14.98 4.85
C16 OLC G . 13.88 -11.28 -4.08
C12 OLC G . 17.55 -12.81 -2.89
C7 OLC G . 23.20 -13.36 -3.23
C15 OLC G . 14.55 -12.45 -4.84
C13 OLC G . 16.87 -13.38 -4.13
C6 OLC G . 23.94 -14.59 -2.76
C14 OLC G . 16.07 -12.33 -4.94
C5 OLC G . 25.16 -14.18 -1.94
C4 OLC G . 24.81 -13.85 -0.50
C3 OLC G . 26.04 -13.77 0.39
C2 OLC G . 26.68 -15.11 0.76
C21 OLC G . 29.44 -15.26 3.27
C1 OLC G . 28.12 -14.90 1.18
C22 OLC G . 30.69 -15.93 3.83
O19 OLC G . 28.71 -13.90 0.81
O25 OLC G . 32.52 -15.56 5.46
O23 OLC G . 30.38 -17.16 4.51
O20 OLC G . 28.88 -15.81 2.06
C10 OLC H . 13.97 11.71 2.71
C9 OLC H . 12.86 12.01 2.05
C11 OLC H . 14.55 12.55 3.83
C8 OLC H . 11.99 13.20 2.31
C24 OLC H . 2.06 18.43 -4.04
C12 OLC H . 15.40 11.71 4.81
C7 OLC H . 10.63 12.92 1.69
C13 OLC H . 16.25 10.62 4.17
C6 OLC H . 10.68 13.18 0.18
C14 OLC H . 17.35 10.23 5.16
C5 OLC H . 9.41 12.77 -0.56
C4 OLC H . 8.15 13.43 -0.03
C3 OLC H . 7.08 13.58 -1.12
C2 OLC H . 6.44 14.96 -1.05
C21 OLC H . 3.75 16.72 -3.24
C1 OLC H . 5.55 15.23 -2.24
C22 OLC H . 2.66 17.71 -2.83
O19 OLC H . 5.76 14.69 -3.31
O25 OLC H . 0.87 19.13 -3.66
O23 OLC H . 1.63 17.02 -2.13
O20 OLC H . 4.41 16.15 -2.10
C10 OLC I . 16.36 11.91 -0.86
C9 OLC I . 15.35 12.29 -1.65
C11 OLC I . 17.17 10.66 -1.11
C8 OLC I . 14.95 11.50 -2.86
C24 OLC I . 4.24 15.51 -6.97
C12 OLC I . 18.03 10.34 0.11
C7 OLC I . 14.19 12.39 -3.83
C13 OLC I . 19.51 10.62 -0.13
C6 OLC I . 12.77 12.67 -3.35
C14 OLC I . 20.37 10.36 1.11
C5 OLC I . 12.31 14.08 -3.70
C4 OLC I . 11.02 14.09 -4.52
C3 OLC I . 11.30 13.99 -6.02
C2 OLC I . 10.04 13.56 -6.80
C21 OLC I . 6.56 14.61 -6.69
C1 OLC I . 9.02 14.67 -6.86
C22 OLC I . 5.72 15.75 -7.24
O19 OLC I . 9.23 15.77 -6.40
O25 OLC I . 3.45 16.60 -7.46
O23 OLC I . 6.12 16.97 -6.60
O20 OLC I . 7.73 14.42 -7.49
C10 OLC J . 31.50 10.00 -1.27
C9 OLC J . 32.47 9.24 -0.77
C11 OLC J . 30.95 11.21 -0.58
C8 OLC J . 33.17 9.51 0.56
C24 OLC J . 41.81 2.58 8.02
C12 OLC J . 29.76 11.77 -1.35
C7 OLC J . 33.12 8.27 1.44
C6 OLC J . 34.33 7.36 1.30
C5 OLC J . 34.32 6.27 2.38
C4 OLC J . 35.72 5.68 2.60
C3 OLC J . 36.01 5.25 4.05
C2 OLC J . 37.52 5.33 4.33
C21 OLC J . 39.71 3.66 7.09
C1 OLC J . 37.96 4.52 5.54
C22 OLC J . 41.18 3.87 7.49
O19 OLC J . 37.12 4.06 6.28
O25 OLC J . 41.77 2.57 9.46
O23 OLC J . 41.97 4.37 6.40
O20 OLC J . 39.36 4.30 5.86
C18 OLC K . 29.06 0.28 -8.96
C10 OLC K . 34.25 0.28 -4.35
C9 OLC K . 34.47 -0.63 -3.40
C17 OLC K . 29.42 1.73 -8.74
C11 OLC K . 33.43 1.52 -4.07
C8 OLC K . 33.91 -0.48 -2.00
C24 OLC K . 38.56 -5.64 8.49
C16 OLC K . 29.81 1.97 -7.29
C12 OLC K . 33.06 2.23 -5.38
C7 OLC K . 34.59 -1.47 -1.06
C15 OLC K . 30.01 3.45 -6.97
C13 OLC K . 31.82 3.09 -5.21
C6 OLC K . 35.10 -0.76 0.18
C14 OLC K . 31.43 3.79 -6.53
C5 OLC K . 36.10 -1.65 0.92
C4 OLC K . 36.03 -1.46 2.42
C3 OLC K . 36.24 -2.77 3.19
C2 OLC K . 37.70 -2.97 3.62
C21 OLC K . 39.54 -4.86 6.30
C1 OLC K . 37.76 -4.12 4.61
C22 OLC K . 39.01 -6.06 7.09
O19 OLC K . 37.17 -5.17 4.34
O25 OLC K . 37.83 -6.69 9.15
O23 OLC K . 37.91 -6.69 6.40
O20 OLC K . 38.48 -3.97 5.89
C10 OLC L . 1.00 -2.14 20.25
C9 OLC L . 1.39 -3.30 20.83
C11 OLC L . 1.77 -0.84 20.23
C8 OLC L . 2.70 -3.55 21.58
C24 OLC L . 10.25 -11.00 28.73
C12 OLC L . 1.42 0.06 19.05
C7 OLC L . 3.06 -5.06 21.56
C6 OLC L . 4.40 -5.38 22.23
C5 OLC L . 4.29 -6.47 23.31
C4 OLC L . 5.60 -7.19 23.67
C3 OLC L . 5.60 -7.87 25.07
C2 OLC L . 6.64 -7.32 26.07
C21 OLC L . 8.58 -9.06 29.09
C1 OLC L . 6.96 -8.28 27.22
C22 OLC L . 10.03 -9.56 29.27
O19 OLC L . 6.09 -9.04 27.60
O25 OLC L . 11.18 -11.08 27.62
O23 OLC L . 11.03 -8.66 28.78
O20 OLC L . 8.29 -8.31 27.87
C10 OLC M . 1.71 -8.56 17.98
C9 OLC M . 2.36 -8.67 19.14
C11 OLC M . 0.57 -9.46 17.59
C8 OLC M . 1.97 -9.72 20.17
C24 OLC M . 9.42 -15.52 29.92
C12 OLC M . -0.76 -8.78 17.93
C7 OLC M . 2.72 -9.51 21.48
C6 OLC M . 2.90 -10.83 22.25
C5 OLC M . 4.02 -10.71 23.28
C4 OLC M . 3.97 -11.82 24.32
C3 OLC M . 5.37 -12.24 24.71
C2 OLC M . 5.40 -12.77 26.14
C21 OLC M . 7.75 -14.41 28.43
C1 OLC M . 6.78 -13.25 26.45
C22 OLC M . 9.13 -14.27 29.09
O19 OLC M . 7.47 -13.71 25.54
O25 OLC M . 10.25 -15.17 31.02
O23 OLC M . 10.17 -14.12 28.10
O20 OLC M . 7.34 -13.19 27.79
C10 OLC N . 22.39 17.05 8.26
C9 OLC N . 22.30 16.52 9.49
C11 OLC N . 23.18 16.41 7.12
C8 OLC N . 22.98 15.22 9.88
C24 OLC N . 29.47 9.18 19.80
C12 OLC N . 23.09 17.20 5.83
C7 OLC N . 23.18 15.15 11.41
C6 OLC N . 23.61 13.76 11.88
C5 OLC N . 24.63 13.83 13.02
C4 OLC N . 25.20 12.45 13.35
C3 OLC N . 24.68 11.88 14.66
C2 OLC N . 25.52 10.70 15.13
C21 OLC N . 27.88 10.37 18.15
C1 OLC N . 26.70 11.12 15.99
C22 OLC N . 29.32 9.91 18.46
O19 OLC N . 27.06 12.29 15.97
O25 OLC N . 30.74 9.31 20.47
O23 OLC N . 29.74 8.98 17.47
O20 OLC N . 27.40 10.13 16.81
C10 OLC O . 14.57 13.29 16.13
C9 OLC O . 15.08 12.27 16.88
C11 OLC O . 15.38 13.99 15.05
C8 OLC O . 16.50 11.77 16.67
C24 OLC O . 26.42 10.66 23.67
C12 OLC O . 14.50 14.70 14.02
C7 OLC O . 17.10 11.18 17.94
C6 OLC O . 18.57 10.75 17.67
C5 OLC O . 19.61 11.59 18.42
C4 OLC O . 21.05 11.35 17.96
C3 OLC O . 21.96 12.49 18.44
C2 OLC O . 23.45 12.10 18.53
C21 OLC O . 25.81 10.67 21.22
C1 OLC O . 23.86 11.66 19.93
C22 OLC O . 26.71 11.28 22.31
O19 OLC O . 23.00 11.28 20.70
O25 OLC O . 27.58 10.10 24.28
O23 OLC O . 28.08 11.05 22.02
O20 OLC O . 25.25 11.67 20.36
C9 OLC P . -5.95 -14.86 12.82
C8 OLC P . -6.36 -14.30 11.46
C24 OLC P . -16.49 -9.25 8.13
C7 OLC P . -7.84 -13.87 11.47
C6 OLC P . -8.13 -12.73 10.49
C5 OLC P . -9.55 -12.81 9.91
C4 OLC P . -10.62 -12.62 10.98
C3 OLC P . -11.81 -11.81 10.48
C2 OLC P . -12.53 -12.47 9.30
C21 OLC P . -15.05 -10.94 6.84
C1 OLC P . -13.76 -11.68 8.88
C22 OLC P . -16.46 -10.57 7.34
O19 OLC P . -14.24 -10.83 9.62
O25 OLC P . -17.62 -8.44 7.71
O23 OLC P . -17.37 -10.46 6.24
O20 OLC P . -14.39 -11.96 7.60
C10 OLC Q . 17.02 12.42 -6.11
C9 OLC Q . 15.99 12.77 -6.90
C11 OLC Q . 18.41 12.05 -6.59
C8 OLC Q . 16.04 12.85 -8.41
C24 OLC Q . 12.11 20.36 -14.23
C12 OLC Q . 19.08 11.17 -5.52
C7 OLC Q . 14.69 12.41 -8.96
C13 OLC Q . 20.60 11.23 -5.50
C6 OLC Q . 14.01 13.47 -9.82
C14 OLC Q . 21.12 11.10 -4.07
C5 OLC Q . 13.23 14.43 -8.93
C4 OLC Q . 12.84 15.70 -9.68
C3 OLC Q . 13.51 16.95 -9.11
C2 OLC Q . 13.26 18.19 -9.97
C21 OLC Q . 14.24 19.23 -13.51
C1 OLC Q . 14.13 18.21 -11.22
C22 OLC Q . 13.32 19.56 -14.67
O19 OLC Q . 15.35 18.04 -11.15
O25 OLC Q . 11.05 20.19 -15.15
O23 OLC Q . 14.06 20.33 -15.62
O20 OLC Q . 13.54 18.45 -12.53
C10 OLC R . 16.56 -8.78 -7.35
C9 OLC R . 15.22 -8.78 -7.44
C11 OLC R . 17.46 -7.62 -7.75
C8 OLC R . 14.39 -7.62 -7.95
C24 OLC R . 3.52 -9.68 -13.07
C12 OLC R . 18.79 -7.70 -7.02
C7 OLC R . 14.14 -7.76 -9.43
C15 OLC R . 22.08 -9.50 -6.92
C13 OLC R . 19.81 -8.64 -7.67
C6 OLC R . 12.68 -7.49 -9.77
C14 OLC R . 20.58 -9.48 -6.63
C5 OLC R . 11.78 -8.69 -9.50
C4 OLC R . 10.68 -8.40 -8.48
C3 OLC R . 9.47 -9.33 -8.59
C2 OLC R . 8.62 -8.98 -9.82
C21 OLC R . 5.35 -9.77 -11.34
C1 OLC R . 7.20 -9.50 -9.67
C22 OLC R . 4.15 -9.00 -11.84
O19 OLC R . 6.93 -10.39 -8.87
O25 OLC R . 2.55 -8.83 -13.71
O23 OLC R . 3.19 -8.89 -10.79
O20 OLC R . 6.16 -8.91 -10.52
C18 OLC S . 5.88 3.75 19.89
C10 OLC S . -0.51 4.22 14.29
C9 OLC S . -1.70 4.47 13.72
C17 OLC S . 5.05 2.77 19.08
C11 OLC S . 0.01 2.81 14.58
C8 OLC S . -2.65 3.36 13.29
C24 OLC S . -10.15 8.26 8.17
C16 OLC S . 4.65 3.34 17.72
C12 OLC S . 1.50 2.69 14.23
C7 OLC S . -3.85 3.86 12.48
C15 OLC S . 4.46 2.21 16.70
C13 OLC S . 2.34 2.05 15.35
C6 OLC S . -5.04 2.89 12.59
C14 OLC S . 3.79 2.57 15.37
C5 OLC S . -5.55 2.43 11.23
C4 OLC S . -6.95 1.82 11.34
C3 OLC S . -7.88 2.19 10.17
C2 OLC S . -8.34 3.65 10.19
C21 OLC S . -10.68 5.80 7.85
C1 OLC S . -9.34 3.96 9.09
C22 OLC S . -11.25 7.18 8.24
O19 OLC S . -9.90 3.03 8.53
O25 OLC S . -10.64 9.56 7.83
O23 OLC S . -12.37 7.51 7.40
O20 OLC S . -9.61 5.38 8.73
C24 OLC T . -6.15 11.97 5.75
C7 OLC T . 0.43 6.78 9.45
C6 OLC T . -0.45 7.29 8.32
C5 OLC T . -1.90 7.41 8.78
C4 OLC T . -2.62 8.62 8.20
C3 OLC T . -2.81 8.48 6.70
C2 OLC T . -3.95 9.36 6.18
C21 OLC T . -4.23 11.71 4.01
C1 OLC T . -4.00 9.32 4.68
C22 OLC T . -5.34 12.61 4.60
O19 OLC T . -3.50 8.40 4.12
O25 OLC T . -7.10 12.91 6.29
O23 OLC T . -4.73 13.80 5.08
O20 OLC T . -4.63 10.34 3.85
C18 OLC U . 24.94 9.52 -5.22
C10 OLC U . 30.79 3.34 -1.74
C9 OLC U . 31.04 2.39 -0.84
C17 OLC U . 25.68 8.21 -5.07
C11 OLC U . 30.80 4.81 -1.41
C8 OLC U . 31.37 2.71 0.60
C24 OLC U . 39.71 -1.02 10.38
C16 OLC U . 26.67 8.22 -3.91
C12 OLC U . 29.40 5.27 -1.03
C7 OLC U . 31.82 1.46 1.34
C15 OLC U . 26.55 6.95 -3.08
C13 OLC U . 28.51 5.56 -2.24
C6 OLC U . 31.87 1.72 2.84
C14 OLC U . 27.67 6.81 -2.03
C5 OLC U . 33.28 1.89 3.40
C4 OLC U . 33.55 0.77 4.42
C3 OLC U . 34.94 0.90 5.01
C2 OLC U . 35.19 -0.13 6.10
C21 OLC U . 38.19 -0.15 8.58
C1 OLC U . 36.37 0.33 6.95
C22 OLC U . 39.19 -1.25 8.96
O19 OLC U . 36.50 1.52 7.17
O25 OLC U . 40.39 -2.19 10.86
O23 OLC U . 38.57 -2.55 8.86
O20 OLC U . 37.34 -0.59 7.51
C18 OLC V . 24.27 12.23 -2.38
C10 OLC V . 29.82 6.15 2.94
C9 OLC V . 30.28 5.37 3.90
C17 OLC V . 25.16 12.29 -1.15
C11 OLC V . 28.62 7.06 3.09
C8 OLC V . 29.65 5.32 5.25
C24 OLC V . 39.06 2.07 12.77
C16 OLC V . 26.11 11.10 -1.09
C12 OLC V . 28.31 7.64 1.73
C7 OLC V . 30.69 5.77 6.26
C15 OLC V . 26.58 10.81 0.33
C13 OLC V . 27.66 9.02 1.81
C6 OLC V . 31.70 4.68 6.55
C14 OLC V . 27.51 9.60 0.39
C5 OLC V . 32.38 4.88 7.88
C4 OLC V . 33.86 4.51 7.80
C3 OLC V . 34.43 4.44 9.20
C2 OLC V . 35.97 4.39 9.20
C21 OLC V . 38.26 4.37 12.30
C1 OLC V . 36.52 4.67 10.57
C22 OLC V . 39.49 3.51 12.50
O19 OLC V . 35.89 5.32 11.38
O25 OLC V . 40.17 1.16 12.73
O23 OLC V . 40.28 3.60 11.30
O20 OLC V . 37.83 4.20 10.96
C10 OLC W . 20.63 9.76 -9.88
C9 OLC W . 20.12 10.99 -10.05
C11 OLC W . 21.33 9.00 -10.97
C8 OLC W . 20.19 11.76 -11.36
C24 OLC W . 13.56 15.47 -18.59
C12 OLC W . 22.04 7.79 -10.37
C7 OLC W . 19.07 11.33 -12.29
C13 OLC W . 23.36 8.13 -9.66
C6 OLC W . 18.82 12.36 -13.41
C14 OLC W . 24.15 6.86 -9.31
C5 OLC W . 17.36 12.37 -13.78
C4 OLC W . 16.54 13.23 -12.81
C3 OLC W . 15.20 13.62 -13.42
C2 OLC W . 15.00 15.14 -13.45
C21 OLC W . 12.62 16.16 -16.35
C1 OLC W . 13.69 15.40 -14.14
C22 OLC W . 13.08 16.64 -17.74
O19 OLC W . 12.64 15.13 -13.57
O25 OLC W . 14.84 15.78 -19.16
O23 OLC W . 12.01 17.33 -18.42
O20 OLC W . 13.74 15.98 -15.49
O1 PE4 X . 14.63 -0.80 -8.57
C1 PE4 X . 14.38 -1.35 -9.87
C2 PE4 X . 15.64 -1.76 -10.61
O2 PE4 X . 15.61 -1.34 -11.99
C3 PE4 X . 16.86 -0.83 -12.41
C4 PE4 X . 16.78 -0.36 -13.83
O3 PE4 X . 15.81 0.68 -13.93
C5 PE4 X . 15.77 1.27 -15.23
C6 PE4 X . 16.95 2.19 -15.40
O4 PE4 X . 16.55 3.39 -16.05
C7 PE4 X . 16.88 4.56 -15.31
NA NA Y . 11.32 0.16 1.75
#